data_1WK4
#
_entry.id   1WK4
#
_cell.length_a   78.332
_cell.length_b   78.332
_cell.length_c   197.038
_cell.angle_alpha   90.00
_cell.angle_beta   90.00
_cell.angle_gamma   120.00
#
_symmetry.space_group_name_H-M   'P 64'
#
loop_
_entity.id
_entity.type
_entity.pdbx_description
1 polymer ttk003001606
2 non-polymer '2-(N-MORPHOLINO)-ETHANESULFONIC ACID'
3 water water
#
_entity_poly.entity_id   1
_entity_poly.type   'polypeptide(L)'
_entity_poly.pdbx_seq_one_letter_code
;VRIRRAGLEDLPGVARVLVDTWRATYRGVVPEAFLEGLSYEGQAERWAQRLKTPTWPGRLFVAESESGEVVGFAAFGPDR
ASGFPGYTAELWAIYVLPTWQRKGLGRALFHEGARLLQAEGYGR(MSE)LVWVLKENPKGRGFYEHLGGVLLGEREIELG
GAKLWEVAYGFDLGGHKW
;
_entity_poly.pdbx_strand_id   A,B,C
#
# COMPACT_ATOMS: atom_id res chain seq x y z
N VAL A 1 -33.19 -10.00 -0.83
CA VAL A 1 -33.72 -9.38 0.41
C VAL A 1 -34.46 -8.07 0.14
N ARG A 2 -34.97 -7.48 1.21
CA ARG A 2 -35.68 -6.24 1.11
C ARG A 2 -34.87 -5.15 1.81
N ILE A 3 -34.58 -4.07 1.10
CA ILE A 3 -33.85 -2.95 1.71
C ILE A 3 -34.92 -1.93 2.07
N ARG A 4 -34.93 -1.50 3.32
CA ARG A 4 -35.92 -0.56 3.80
C ARG A 4 -35.34 0.38 4.85
N ARG A 5 -36.07 1.45 5.12
CA ARG A 5 -35.63 2.40 6.12
C ARG A 5 -35.80 1.65 7.44
N ALA A 6 -35.26 2.17 8.52
CA ALA A 6 -35.38 1.45 9.78
C ALA A 6 -35.79 2.28 10.98
N GLY A 7 -36.48 1.63 11.91
CA GLY A 7 -36.91 2.30 13.12
C GLY A 7 -36.06 1.87 14.29
N LEU A 8 -36.58 2.09 15.49
CA LEU A 8 -35.87 1.75 16.72
C LEU A 8 -35.81 0.25 16.95
N GLU A 9 -36.85 -0.43 16.51
CA GLU A 9 -36.93 -1.87 16.67
C GLU A 9 -35.88 -2.59 15.82
N ASP A 10 -35.25 -1.86 14.92
CA ASP A 10 -34.23 -2.42 14.04
C ASP A 10 -32.82 -2.28 14.61
N LEU A 11 -32.61 -1.22 15.39
CA LEU A 11 -31.32 -0.92 15.98
C LEU A 11 -30.55 -2.11 16.54
N PRO A 12 -31.10 -2.82 17.53
CA PRO A 12 -30.36 -3.97 18.07
C PRO A 12 -29.70 -4.75 16.94
N GLY A 13 -30.52 -5.15 15.96
CA GLY A 13 -30.02 -5.90 14.81
C GLY A 13 -28.96 -5.12 14.04
N VAL A 14 -29.17 -3.82 13.88
CA VAL A 14 -28.21 -3.00 13.18
C VAL A 14 -26.88 -3.06 13.93
N ALA A 15 -26.96 -3.04 15.26
CA ALA A 15 -25.78 -3.08 16.12
C ALA A 15 -24.92 -4.30 15.85
N ARG A 16 -25.55 -5.48 15.81
CA ARG A 16 -24.83 -6.72 15.57
C ARG A 16 -24.12 -6.71 14.22
N VAL A 17 -24.76 -6.14 13.21
CA VAL A 17 -24.16 -6.08 11.89
C VAL A 17 -22.94 -5.19 11.93
N LEU A 18 -23.05 -4.08 12.66
CA LEU A 18 -21.96 -3.12 12.76
C LEU A 18 -20.73 -3.77 13.40
N VAL A 19 -20.89 -4.19 14.65
CA VAL A 19 -19.81 -4.80 15.40
C VAL A 19 -19.27 -6.06 14.72
N ASP A 20 -20.15 -6.98 14.38
CA ASP A 20 -19.72 -8.21 13.73
C ASP A 20 -18.96 -7.96 12.44
N THR A 21 -19.45 -7.03 11.62
CA THR A 21 -18.78 -6.74 10.36
C THR A 21 -17.53 -5.91 10.60
N TRP A 22 -17.53 -5.11 11.66
CA TRP A 22 -16.35 -4.32 11.96
C TRP A 22 -15.21 -5.26 12.37
N ARG A 23 -15.48 -6.06 13.39
CA ARG A 23 -14.51 -7.02 13.89
C ARG A 23 -13.92 -7.86 12.75
N ALA A 24 -14.80 -8.45 11.95
CA ALA A 24 -14.41 -9.32 10.85
C ALA A 24 -13.73 -8.61 9.69
N THR A 25 -13.69 -7.29 9.73
CA THR A 25 -13.10 -6.56 8.63
C THR A 25 -11.82 -5.81 8.95
N TYR A 26 -11.84 -5.10 10.07
CA TYR A 26 -10.69 -4.30 10.45
C TYR A 26 -9.66 -4.99 11.31
N ARG A 27 -10.00 -6.18 11.81
CA ARG A 27 -9.04 -6.89 12.63
C ARG A 27 -7.74 -6.92 11.84
N GLY A 28 -6.62 -6.69 12.53
CA GLY A 28 -5.33 -6.70 11.87
C GLY A 28 -5.02 -5.38 11.19
N VAL A 29 -6.00 -4.48 11.19
CA VAL A 29 -5.86 -3.15 10.59
C VAL A 29 -6.10 -2.11 11.67
N VAL A 30 -6.97 -2.46 12.60
CA VAL A 30 -7.31 -1.60 13.72
C VAL A 30 -7.00 -2.41 14.97
N PRO A 31 -6.28 -1.79 15.93
CA PRO A 31 -5.91 -2.47 17.17
C PRO A 31 -7.03 -3.27 17.83
N GLU A 32 -6.75 -4.54 18.12
CA GLU A 32 -7.70 -5.44 18.74
C GLU A 32 -8.44 -4.88 19.94
N ALA A 33 -7.77 -4.06 20.73
CA ALA A 33 -8.41 -3.48 21.92
C ALA A 33 -9.66 -2.73 21.49
N PHE A 34 -9.52 -1.96 20.40
CA PHE A 34 -10.61 -1.19 19.84
C PHE A 34 -11.80 -2.10 19.50
N LEU A 35 -11.57 -3.03 18.59
CA LEU A 35 -12.62 -3.97 18.18
C LEU A 35 -13.25 -4.63 19.40
N GLU A 36 -12.43 -5.26 20.23
CA GLU A 36 -12.94 -5.94 21.42
C GLU A 36 -13.61 -4.90 22.30
N GLY A 37 -13.28 -3.63 22.05
CA GLY A 37 -13.86 -2.54 22.81
C GLY A 37 -15.19 -2.08 22.23
N LEU A 38 -15.60 -2.66 21.10
CA LEU A 38 -16.87 -2.32 20.48
C LEU A 38 -17.98 -2.95 21.30
N SER A 39 -19.16 -2.32 21.33
CA SER A 39 -20.27 -2.84 22.10
C SER A 39 -21.60 -2.94 21.34
N TYR A 40 -22.32 -4.02 21.56
CA TYR A 40 -23.61 -4.23 20.92
C TYR A 40 -24.62 -3.21 21.43
N GLU A 41 -24.74 -3.11 22.75
CA GLU A 41 -25.69 -2.21 23.36
C GLU A 41 -25.38 -0.73 23.15
N GLY A 42 -24.18 -0.32 23.53
CA GLY A 42 -23.80 1.07 23.37
C GLY A 42 -23.93 1.53 21.93
N GLN A 43 -23.59 0.65 21.00
CA GLN A 43 -23.69 0.99 19.59
C GLN A 43 -25.15 1.23 19.26
N ALA A 44 -26.03 0.35 19.76
CA ALA A 44 -27.45 0.49 19.52
C ALA A 44 -27.88 1.84 20.06
N GLU A 45 -27.34 2.22 21.21
CA GLU A 45 -27.63 3.52 21.83
C GLU A 45 -27.24 4.64 20.87
N ARG A 46 -25.99 4.61 20.41
CA ARG A 46 -25.48 5.61 19.48
C ARG A 46 -26.53 5.93 18.41
N TRP A 47 -26.97 4.92 17.69
CA TRP A 47 -27.97 5.12 16.65
C TRP A 47 -29.36 5.31 17.24
N ALA A 48 -29.49 5.05 18.53
CA ALA A 48 -30.77 5.20 19.21
C ALA A 48 -31.16 6.66 19.39
N GLN A 49 -30.31 7.41 20.11
CA GLN A 49 -30.58 8.81 20.38
C GLN A 49 -30.73 9.60 19.09
N ARG A 50 -29.90 9.31 18.10
CA ARG A 50 -29.97 10.03 16.83
C ARG A 50 -31.27 9.82 16.06
N LEU A 51 -31.84 8.61 16.13
CA LEU A 51 -33.10 8.33 15.46
C LEU A 51 -34.15 9.23 16.09
N LYS A 52 -34.07 9.37 17.41
CA LYS A 52 -34.98 10.19 18.18
C LYS A 52 -34.47 11.63 18.23
N THR A 53 -34.57 12.33 17.11
CA THR A 53 -34.13 13.72 17.03
C THR A 53 -34.69 14.33 15.75
N PRO A 54 -35.86 14.96 15.84
CA PRO A 54 -36.55 15.60 14.71
C PRO A 54 -35.64 16.47 13.84
N THR A 55 -34.63 17.07 14.46
CA THR A 55 -33.68 17.94 13.75
C THR A 55 -32.56 17.17 13.05
N TRP A 56 -32.58 15.85 13.14
CA TRP A 56 -31.55 15.03 12.52
C TRP A 56 -31.95 14.53 11.12
N PRO A 57 -31.28 15.04 10.07
CA PRO A 57 -31.52 14.68 8.66
C PRO A 57 -31.04 13.29 8.28
N GLY A 58 -30.48 12.56 9.25
CA GLY A 58 -29.99 11.23 8.98
C GLY A 58 -31.01 10.28 8.41
N ARG A 59 -30.56 9.43 7.50
CA ARG A 59 -31.42 8.44 6.86
C ARG A 59 -30.84 7.03 6.97
N LEU A 60 -31.52 6.17 7.71
CA LEU A 60 -31.05 4.79 7.89
C LEU A 60 -31.79 3.77 7.05
N PHE A 61 -31.03 2.85 6.46
CA PHE A 61 -31.60 1.78 5.69
C PHE A 61 -31.19 0.45 6.30
N VAL A 62 -31.87 -0.61 5.91
CA VAL A 62 -31.59 -1.89 6.50
C VAL A 62 -31.97 -3.02 5.54
N ALA A 63 -31.06 -3.97 5.36
CA ALA A 63 -31.35 -5.12 4.49
C ALA A 63 -32.04 -6.14 5.39
N GLU A 64 -33.11 -6.75 4.89
CA GLU A 64 -33.85 -7.71 5.69
C GLU A 64 -34.04 -9.05 5.00
N SER A 65 -33.60 -10.11 5.68
CA SER A 65 -33.70 -11.47 5.15
C SER A 65 -35.16 -11.87 5.07
N GLU A 66 -35.45 -12.91 4.28
CA GLU A 66 -36.81 -13.40 4.14
C GLU A 66 -37.28 -13.78 5.54
N SER A 67 -36.32 -14.12 6.39
CA SER A 67 -36.60 -14.49 7.77
C SER A 67 -36.99 -13.26 8.57
N GLY A 68 -36.51 -12.11 8.11
CA GLY A 68 -36.80 -10.85 8.78
C GLY A 68 -35.60 -10.37 9.59
N GLU A 69 -34.44 -10.98 9.34
CA GLU A 69 -33.22 -10.62 10.04
C GLU A 69 -32.50 -9.44 9.40
N VAL A 70 -32.03 -8.52 10.24
CA VAL A 70 -31.29 -7.37 9.76
C VAL A 70 -29.89 -7.89 9.42
N VAL A 71 -29.56 -7.92 8.13
CA VAL A 71 -28.26 -8.41 7.70
C VAL A 71 -27.43 -7.32 7.04
N GLY A 72 -28.11 -6.31 6.50
CA GLY A 72 -27.43 -5.20 5.86
C GLY A 72 -27.73 -3.91 6.59
N PHE A 73 -26.94 -2.88 6.32
CA PHE A 73 -27.15 -1.62 7.01
C PHE A 73 -26.36 -0.49 6.37
N ALA A 74 -27.00 0.67 6.24
CA ALA A 74 -26.37 1.85 5.67
C ALA A 74 -27.05 3.11 6.23
N ALA A 75 -26.24 4.11 6.53
CA ALA A 75 -26.75 5.37 7.06
C ALA A 75 -26.26 6.52 6.19
N PHE A 76 -27.16 7.42 5.83
CA PHE A 76 -26.80 8.57 5.00
C PHE A 76 -27.10 9.87 5.74
N GLY A 77 -26.69 10.99 5.16
CA GLY A 77 -26.93 12.27 5.81
C GLY A 77 -26.05 13.39 5.31
N PRO A 78 -26.24 14.62 5.85
CA PRO A 78 -25.46 15.81 5.49
C PRO A 78 -23.97 15.67 5.73
N ASP A 79 -23.17 15.97 4.71
CA ASP A 79 -21.72 15.89 4.82
C ASP A 79 -21.31 16.54 6.13
N ARG A 80 -20.71 15.76 7.01
CA ARG A 80 -20.31 16.29 8.31
C ARG A 80 -19.29 17.42 8.26
N ALA A 81 -18.08 17.14 7.76
CA ALA A 81 -17.06 18.17 7.67
C ALA A 81 -16.00 17.82 6.64
N SER A 82 -16.42 17.08 5.61
CA SER A 82 -15.50 16.66 4.55
C SER A 82 -14.63 17.80 4.06
N GLY A 83 -15.25 18.91 3.69
CA GLY A 83 -14.48 20.04 3.22
C GLY A 83 -14.29 20.08 1.71
N PHE A 84 -15.19 19.43 0.98
CA PHE A 84 -15.12 19.41 -0.47
C PHE A 84 -16.40 20.07 -1.02
N PRO A 85 -16.31 21.38 -1.35
CA PRO A 85 -17.42 22.17 -1.88
C PRO A 85 -18.17 21.52 -3.04
N GLY A 86 -19.48 21.41 -2.89
CA GLY A 86 -20.30 20.80 -3.92
C GLY A 86 -20.88 19.49 -3.40
N TYR A 87 -20.16 18.90 -2.46
CA TYR A 87 -20.58 17.66 -1.85
C TYR A 87 -21.32 17.96 -0.56
N THR A 88 -22.64 17.92 -0.67
CA THR A 88 -23.56 18.22 0.42
C THR A 88 -23.78 17.10 1.45
N ALA A 89 -24.00 15.88 0.99
CA ALA A 89 -24.25 14.78 1.91
C ALA A 89 -23.26 13.62 1.74
N GLU A 90 -22.99 12.90 2.83
CA GLU A 90 -22.06 11.78 2.78
C GLU A 90 -22.66 10.49 3.33
N LEU A 91 -22.15 9.37 2.82
CA LEU A 91 -22.58 8.06 3.26
C LEU A 91 -21.75 7.82 4.52
N TRP A 92 -22.39 7.89 5.68
CA TRP A 92 -21.69 7.71 6.96
C TRP A 92 -21.19 6.30 7.24
N ALA A 93 -22.06 5.32 7.01
CA ALA A 93 -21.70 3.93 7.25
C ALA A 93 -22.49 2.95 6.40
N ILE A 94 -21.88 1.82 6.11
CA ILE A 94 -22.52 0.79 5.31
C ILE A 94 -21.78 -0.52 5.56
N TYR A 95 -22.52 -1.51 6.05
CA TYR A 95 -21.93 -2.81 6.36
C TYR A 95 -22.86 -3.98 6.08
N VAL A 96 -22.34 -4.99 5.39
CA VAL A 96 -23.13 -6.17 5.12
C VAL A 96 -22.53 -7.32 5.93
N LEU A 97 -23.37 -8.15 6.55
CA LEU A 97 -22.87 -9.27 7.34
C LEU A 97 -21.98 -10.16 6.49
N PRO A 98 -20.78 -10.48 7.00
CA PRO A 98 -19.83 -11.33 6.28
C PRO A 98 -20.47 -12.48 5.51
N THR A 99 -21.35 -13.25 6.16
CA THR A 99 -22.01 -14.37 5.49
C THR A 99 -23.00 -13.95 4.41
N TRP A 100 -23.19 -12.64 4.24
CA TRP A 100 -24.12 -12.13 3.24
C TRP A 100 -23.43 -11.29 2.16
N GLN A 101 -22.10 -11.22 2.20
CA GLN A 101 -21.38 -10.45 1.21
C GLN A 101 -21.43 -11.11 -0.16
N ARG A 102 -20.89 -10.43 -1.18
CA ARG A 102 -20.88 -10.91 -2.56
C ARG A 102 -22.26 -11.36 -3.04
N LYS A 103 -23.30 -10.70 -2.54
CA LYS A 103 -24.68 -11.01 -2.89
C LYS A 103 -25.44 -9.81 -3.50
N GLY A 104 -24.79 -8.64 -3.54
CA GLY A 104 -25.42 -7.46 -4.10
C GLY A 104 -25.94 -6.48 -3.07
N LEU A 105 -26.31 -6.98 -1.89
CA LEU A 105 -26.84 -6.17 -0.80
C LEU A 105 -26.12 -4.84 -0.52
N GLY A 106 -24.86 -4.74 -0.94
CA GLY A 106 -24.11 -3.52 -0.71
C GLY A 106 -24.49 -2.43 -1.69
N ARG A 107 -24.68 -2.79 -2.96
CA ARG A 107 -25.06 -1.79 -3.96
C ARG A 107 -26.55 -1.56 -3.87
N ALA A 108 -27.26 -2.58 -3.40
CA ALA A 108 -28.69 -2.46 -3.21
C ALA A 108 -28.81 -1.33 -2.19
N LEU A 109 -28.31 -1.58 -0.98
CA LEU A 109 -28.34 -0.58 0.07
C LEU A 109 -27.86 0.78 -0.45
N PHE A 110 -26.79 0.78 -1.24
CA PHE A 110 -26.22 2.01 -1.77
C PHE A 110 -27.18 2.83 -2.64
N HIS A 111 -27.80 2.17 -3.62
CA HIS A 111 -28.72 2.88 -4.50
C HIS A 111 -29.90 3.46 -3.74
N GLU A 112 -30.54 2.64 -2.93
CA GLU A 112 -31.68 3.13 -2.20
C GLU A 112 -31.37 4.43 -1.47
N GLY A 113 -30.25 4.45 -0.75
CA GLY A 113 -29.86 5.63 0.00
C GLY A 113 -29.46 6.83 -0.84
N ALA A 114 -29.02 6.57 -2.06
CA ALA A 114 -28.62 7.66 -2.95
C ALA A 114 -29.86 8.29 -3.53
N ARG A 115 -30.73 7.45 -4.10
CA ARG A 115 -31.98 7.93 -4.66
C ARG A 115 -32.69 8.79 -3.63
N LEU A 116 -32.83 8.27 -2.41
CA LEU A 116 -33.50 9.06 -1.39
C LEU A 116 -32.83 10.43 -1.28
N LEU A 117 -31.50 10.44 -1.12
CA LEU A 117 -30.77 11.70 -1.03
C LEU A 117 -30.91 12.50 -2.31
N GLN A 118 -31.02 11.79 -3.44
CA GLN A 118 -31.18 12.43 -4.73
C GLN A 118 -32.55 13.11 -4.76
N ALA A 119 -33.58 12.36 -4.37
CA ALA A 119 -34.94 12.87 -4.31
C ALA A 119 -34.98 14.11 -3.43
N GLU A 120 -34.48 14.01 -2.19
CA GLU A 120 -34.48 15.16 -1.28
C GLU A 120 -33.65 16.28 -1.89
N GLY A 121 -33.28 16.10 -3.16
CA GLY A 121 -32.51 17.09 -3.89
C GLY A 121 -31.18 17.48 -3.27
N TYR A 122 -30.21 16.57 -3.29
CA TYR A 122 -28.89 16.87 -2.76
C TYR A 122 -27.95 17.02 -3.92
N GLY A 123 -26.97 17.90 -3.79
CA GLY A 123 -26.03 18.14 -4.87
C GLY A 123 -25.18 16.95 -5.28
N ARG A 124 -24.31 16.54 -4.37
CA ARG A 124 -23.41 15.44 -4.64
C ARG A 124 -23.12 14.74 -3.32
N LEU A 126 -20.39 11.89 -1.09
CA LEU A 126 -19.02 11.40 -0.97
C LEU A 126 -18.95 10.42 0.21
N VAL A 127 -18.06 9.42 0.11
CA VAL A 127 -17.90 8.46 1.19
C VAL A 127 -16.43 8.35 1.60
N TRP A 128 -16.18 8.35 2.90
CA TRP A 128 -14.82 8.23 3.42
C TRP A 128 -14.50 6.76 3.64
N VAL A 129 -13.48 6.28 2.93
CA VAL A 129 -13.05 4.90 3.01
C VAL A 129 -11.62 4.79 3.53
N LEU A 130 -11.28 3.65 4.10
CA LEU A 130 -9.92 3.42 4.57
C LEU A 130 -9.10 2.91 3.38
N LYS A 131 -7.83 3.26 3.33
CA LYS A 131 -6.98 2.82 2.22
C LYS A 131 -6.54 1.36 2.37
N GLU A 132 -6.22 0.96 3.60
CA GLU A 132 -5.81 -0.42 3.87
C GLU A 132 -7.08 -1.27 3.79
N ASN A 133 -7.96 -0.83 2.89
CA ASN A 133 -9.25 -1.48 2.63
C ASN A 133 -9.45 -1.49 1.12
N PRO A 134 -8.54 -2.13 0.39
CA PRO A 134 -8.68 -2.19 -1.07
C PRO A 134 -9.99 -2.81 -1.52
N LYS A 135 -10.63 -3.53 -0.61
CA LYS A 135 -11.90 -4.18 -0.92
C LYS A 135 -12.99 -3.10 -1.04
N GLY A 136 -13.19 -2.35 0.04
CA GLY A 136 -14.18 -1.31 0.03
C GLY A 136 -13.94 -0.34 -1.11
N ARG A 137 -12.71 0.16 -1.22
CA ARG A 137 -12.36 1.09 -2.28
C ARG A 137 -12.74 0.51 -3.63
N GLY A 138 -12.56 -0.80 -3.78
CA GLY A 138 -12.90 -1.43 -5.04
C GLY A 138 -14.38 -1.26 -5.35
N PHE A 139 -15.19 -1.41 -4.32
CA PHE A 139 -16.64 -1.29 -4.40
C PHE A 139 -17.08 0.05 -4.99
N TYR A 140 -16.80 1.13 -4.26
CA TYR A 140 -17.18 2.47 -4.70
C TYR A 140 -16.66 2.84 -6.08
N GLU A 141 -15.74 2.06 -6.63
CA GLU A 141 -15.21 2.34 -7.97
C GLU A 141 -16.08 1.62 -8.98
N HIS A 142 -16.72 0.56 -8.51
CA HIS A 142 -17.62 -0.21 -9.34
C HIS A 142 -18.84 0.69 -9.52
N LEU A 143 -18.93 1.71 -8.67
CA LEU A 143 -20.04 2.64 -8.71
C LEU A 143 -19.68 3.97 -9.38
N GLY A 144 -18.40 4.17 -9.67
CA GLY A 144 -17.98 5.40 -10.31
C GLY A 144 -17.44 6.51 -9.42
N GLY A 145 -17.76 6.46 -8.12
CA GLY A 145 -17.29 7.48 -7.20
C GLY A 145 -15.83 7.88 -7.40
N VAL A 146 -15.60 8.99 -8.07
CA VAL A 146 -14.25 9.45 -8.33
C VAL A 146 -13.50 9.97 -7.10
N LEU A 147 -12.19 9.86 -7.14
CA LEU A 147 -11.35 10.25 -6.01
C LEU A 147 -11.22 11.77 -5.77
N LEU A 148 -11.32 12.14 -4.51
CA LEU A 148 -11.18 13.54 -4.13
C LEU A 148 -9.83 13.68 -3.43
N GLY A 149 -9.70 13.08 -2.26
CA GLY A 149 -8.45 13.14 -1.51
C GLY A 149 -8.40 12.21 -0.32
N GLU A 150 -7.32 12.28 0.44
CA GLU A 150 -7.14 11.43 1.61
C GLU A 150 -7.23 12.22 2.91
N ARG A 151 -6.99 11.55 4.02
CA ARG A 151 -7.05 12.19 5.33
C ARG A 151 -6.48 11.30 6.41
N GLU A 152 -5.80 11.89 7.38
CA GLU A 152 -5.24 11.10 8.46
C GLU A 152 -6.23 11.08 9.60
N ILE A 153 -6.54 9.89 10.09
CA ILE A 153 -7.46 9.75 11.20
C ILE A 153 -6.78 8.88 12.27
N GLU A 154 -7.51 8.56 13.32
CA GLU A 154 -6.96 7.74 14.39
C GLU A 154 -8.00 6.86 15.06
N LEU A 155 -7.78 5.55 14.98
CA LEU A 155 -8.67 4.56 15.57
C LEU A 155 -7.86 3.73 16.56
N GLY A 156 -8.43 3.51 17.74
CA GLY A 156 -7.74 2.73 18.75
C GLY A 156 -6.31 3.22 18.94
N GLY A 157 -6.12 4.52 18.68
CA GLY A 157 -4.80 5.10 18.83
C GLY A 157 -3.94 4.95 17.58
N ALA A 158 -4.43 4.19 16.61
CA ALA A 158 -3.69 3.98 15.37
C ALA A 158 -3.94 5.12 14.38
N LYS A 159 -2.93 5.48 13.62
CA LYS A 159 -3.02 6.55 12.63
C LYS A 159 -3.32 5.95 11.26
N LEU A 160 -4.58 6.02 10.84
CA LEU A 160 -4.99 5.48 9.56
C LEU A 160 -5.34 6.58 8.57
N TRP A 161 -5.20 6.29 7.28
CA TRP A 161 -5.52 7.25 6.25
C TRP A 161 -6.80 6.89 5.51
N GLU A 162 -7.71 7.85 5.44
CA GLU A 162 -8.98 7.65 4.74
C GLU A 162 -8.89 8.28 3.35
N VAL A 163 -9.80 7.88 2.47
CA VAL A 163 -9.86 8.41 1.13
C VAL A 163 -11.34 8.65 0.78
N ALA A 164 -11.60 9.75 0.09
CA ALA A 164 -12.98 10.09 -0.27
C ALA A 164 -13.32 9.89 -1.76
N TYR A 165 -14.51 9.38 -2.02
CA TYR A 165 -14.99 9.16 -3.38
C TYR A 165 -16.25 9.99 -3.61
N GLY A 166 -16.19 10.91 -4.56
CA GLY A 166 -17.33 11.77 -4.85
C GLY A 166 -18.32 11.16 -5.83
N PHE A 167 -19.60 11.44 -5.60
CA PHE A 167 -20.68 10.94 -6.44
C PHE A 167 -21.65 12.05 -6.84
N ASP A 168 -21.73 12.34 -8.13
CA ASP A 168 -22.66 13.36 -8.60
C ASP A 168 -24.05 12.80 -8.30
N LEU A 169 -24.67 13.37 -7.28
CA LEU A 169 -26.00 12.93 -6.86
C LEU A 169 -27.07 13.70 -7.63
N GLY A 170 -26.66 14.80 -8.24
CA GLY A 170 -27.60 15.60 -9.01
C GLY A 170 -28.11 14.86 -10.23
N GLY A 171 -27.98 15.51 -11.39
CA GLY A 171 -28.43 14.93 -12.64
C GLY A 171 -28.15 13.45 -12.89
N HIS A 172 -27.10 12.92 -12.25
CA HIS A 172 -26.74 11.52 -12.41
C HIS A 172 -27.98 10.66 -12.15
N LYS A 173 -28.12 9.57 -12.88
CA LYS A 173 -29.28 8.72 -12.71
C LYS A 173 -28.96 7.45 -11.92
N TRP A 174 -29.50 7.39 -10.71
CA TRP A 174 -29.30 6.24 -9.83
C TRP A 174 -30.56 5.40 -9.76
N VAL B 1 5.50 -2.10 -35.57
CA VAL B 1 5.83 -0.88 -34.75
C VAL B 1 7.29 -0.47 -34.91
N ARG B 2 7.57 0.83 -34.83
CA ARG B 2 8.94 1.31 -34.96
C ARG B 2 9.15 2.47 -34.00
N ILE B 3 10.40 2.71 -33.64
CA ILE B 3 10.71 3.82 -32.75
C ILE B 3 11.44 4.81 -33.63
N ARG B 4 11.31 6.10 -33.31
CA ARG B 4 11.96 7.14 -34.09
C ARG B 4 11.72 8.49 -33.45
N ARG B 5 12.57 9.46 -33.78
CA ARG B 5 12.40 10.81 -33.26
C ARG B 5 11.05 11.26 -33.79
N ALA B 6 10.42 12.25 -33.14
CA ALA B 6 9.12 12.72 -33.60
C ALA B 6 9.06 14.23 -33.73
N GLY B 7 8.26 14.67 -34.72
CA GLY B 7 8.10 16.10 -34.95
C GLY B 7 6.70 16.57 -34.62
N LEU B 8 6.38 17.82 -34.95
CA LEU B 8 5.07 18.36 -34.64
C LEU B 8 3.92 17.60 -35.31
N GLU B 9 4.17 17.02 -36.48
CA GLU B 9 3.13 16.27 -37.18
C GLU B 9 2.66 15.09 -36.31
N ASP B 10 3.43 14.81 -35.28
CA ASP B 10 3.13 13.71 -34.37
C ASP B 10 2.54 14.15 -33.04
N LEU B 11 2.88 15.36 -32.60
CA LEU B 11 2.39 15.87 -31.31
C LEU B 11 0.91 15.66 -31.03
N PRO B 12 0.06 15.67 -32.06
CA PRO B 12 -1.36 15.44 -31.72
C PRO B 12 -1.50 14.01 -31.17
N GLY B 13 -0.74 13.09 -31.77
CA GLY B 13 -0.75 11.70 -31.36
C GLY B 13 -0.14 11.52 -29.98
N VAL B 14 1.03 12.10 -29.80
CA VAL B 14 1.72 12.05 -28.52
C VAL B 14 0.80 12.53 -27.41
N ALA B 15 0.02 13.58 -27.71
CA ALA B 15 -0.91 14.15 -26.75
C ALA B 15 -1.92 13.14 -26.20
N ARG B 16 -2.58 12.38 -27.08
CA ARG B 16 -3.56 11.40 -26.62
C ARG B 16 -2.89 10.29 -25.80
N VAL B 17 -1.92 9.63 -26.41
CA VAL B 17 -1.18 8.55 -25.76
C VAL B 17 -0.88 9.01 -24.34
N LEU B 18 -0.41 10.24 -24.22
CA LEU B 18 -0.07 10.83 -22.94
C LEU B 18 -1.25 10.91 -21.97
N VAL B 19 -2.33 11.54 -22.38
CA VAL B 19 -3.49 11.68 -21.50
C VAL B 19 -4.39 10.45 -21.46
N ASP B 20 -4.66 9.85 -22.61
CA ASP B 20 -5.51 8.66 -22.63
C ASP B 20 -4.90 7.63 -21.69
N THR B 21 -3.59 7.44 -21.81
CA THR B 21 -2.88 6.50 -20.96
C THR B 21 -2.88 7.01 -19.53
N TRP B 22 -2.40 8.23 -19.31
CA TRP B 22 -2.35 8.81 -17.98
C TRP B 22 -3.61 8.53 -17.16
N ARG B 23 -4.77 8.71 -17.78
CA ARG B 23 -6.04 8.48 -17.09
C ARG B 23 -6.23 7.01 -16.75
N ALA B 24 -6.06 6.15 -17.75
CA ALA B 24 -6.19 4.70 -17.56
C ALA B 24 -5.28 4.17 -16.46
N THR B 25 -4.23 4.91 -16.15
CA THR B 25 -3.28 4.47 -15.15
C THR B 25 -3.48 4.93 -13.71
N TYR B 26 -3.72 6.22 -13.50
CA TYR B 26 -3.83 6.70 -12.13
C TYR B 26 -5.22 6.99 -11.56
N ARG B 27 -6.27 6.45 -12.18
CA ARG B 27 -7.60 6.68 -11.67
C ARG B 27 -7.72 5.87 -10.38
N GLY B 28 -7.72 6.58 -9.25
CA GLY B 28 -7.81 5.91 -7.95
C GLY B 28 -6.60 6.28 -7.11
N VAL B 29 -5.50 6.57 -7.79
CA VAL B 29 -4.26 6.96 -7.14
C VAL B 29 -4.25 8.47 -7.12
N VAL B 30 -4.60 9.04 -8.27
CA VAL B 30 -4.65 10.48 -8.47
C VAL B 30 -6.09 11.00 -8.43
N PRO B 31 -6.32 12.11 -7.72
CA PRO B 31 -7.66 12.70 -7.63
C PRO B 31 -8.17 12.98 -9.03
N GLU B 32 -9.27 12.34 -9.39
CA GLU B 32 -9.89 12.48 -10.70
C GLU B 32 -9.82 13.89 -11.29
N ALA B 33 -9.98 14.89 -10.43
CA ALA B 33 -9.94 16.31 -10.82
C ALA B 33 -8.75 16.61 -11.72
N PHE B 34 -7.56 16.55 -11.13
CA PHE B 34 -6.30 16.78 -11.82
C PHE B 34 -6.29 16.01 -13.13
N LEU B 35 -6.70 14.74 -13.04
CA LEU B 35 -6.76 13.85 -14.19
C LEU B 35 -7.62 14.42 -15.31
N GLU B 36 -8.85 14.83 -15.00
CA GLU B 36 -9.72 15.41 -16.01
C GLU B 36 -9.23 16.82 -16.29
N GLY B 37 -8.39 17.32 -15.38
CA GLY B 37 -7.83 18.65 -15.54
C GLY B 37 -6.81 18.66 -16.67
N LEU B 38 -7.02 17.76 -17.63
CA LEU B 38 -6.14 17.64 -18.78
C LEU B 38 -6.94 17.74 -20.07
N SER B 39 -6.23 17.91 -21.19
CA SER B 39 -6.85 18.01 -22.51
C SER B 39 -5.79 17.76 -23.58
N TYR B 40 -6.07 16.81 -24.46
CA TYR B 40 -5.15 16.43 -25.53
C TYR B 40 -4.40 17.62 -26.14
N GLU B 41 -5.13 18.66 -26.49
CA GLU B 41 -4.54 19.83 -27.13
C GLU B 41 -3.75 20.79 -26.25
N GLY B 42 -4.15 20.95 -25.00
CA GLY B 42 -3.40 21.84 -24.11
C GLY B 42 -2.04 21.22 -23.87
N GLN B 43 -1.94 19.92 -24.10
CA GLN B 43 -0.70 19.18 -23.90
C GLN B 43 0.07 19.13 -25.22
N ALA B 44 -0.65 18.97 -26.32
CA ALA B 44 -0.04 18.94 -27.64
C ALA B 44 0.56 20.32 -27.91
N GLU B 45 -0.09 21.35 -27.37
CA GLU B 45 0.37 22.72 -27.53
C GLU B 45 1.70 22.87 -26.81
N ARG B 46 1.71 22.44 -25.55
CA ARG B 46 2.91 22.53 -24.73
C ARG B 46 4.10 21.88 -25.42
N TRP B 47 3.93 20.65 -25.90
CA TRP B 47 5.02 19.96 -26.57
C TRP B 47 5.42 20.60 -27.89
N ALA B 48 4.48 21.29 -28.53
CA ALA B 48 4.78 21.94 -29.80
C ALA B 48 5.90 22.97 -29.63
N GLN B 49 5.69 23.94 -28.73
CA GLN B 49 6.68 24.97 -28.48
C GLN B 49 8.06 24.36 -28.26
N ARG B 50 8.08 23.22 -27.56
CA ARG B 50 9.32 22.52 -27.27
C ARG B 50 10.15 22.22 -28.51
N LEU B 51 9.62 21.40 -29.41
CA LEU B 51 10.33 21.05 -30.63
C LEU B 51 10.68 22.28 -31.49
N LYS B 52 9.94 23.37 -31.31
CA LYS B 52 10.16 24.60 -32.06
C LYS B 52 11.41 25.31 -31.57
N THR B 53 11.56 25.40 -30.25
CA THR B 53 12.70 26.06 -29.64
C THR B 53 13.97 25.22 -29.85
N PRO B 54 14.91 25.71 -30.68
CA PRO B 54 16.16 25.00 -30.96
C PRO B 54 16.96 24.71 -29.69
N THR B 55 16.94 25.67 -28.78
CA THR B 55 17.68 25.56 -27.53
C THR B 55 16.95 24.72 -26.48
N TRP B 56 16.45 23.54 -26.88
CA TRP B 56 15.75 22.67 -25.96
C TRP B 56 16.50 21.36 -25.78
N PRO B 57 16.94 21.08 -24.54
CA PRO B 57 17.69 19.88 -24.16
C PRO B 57 16.92 18.57 -24.40
N GLY B 58 15.60 18.67 -24.42
CA GLY B 58 14.77 17.49 -24.61
C GLY B 58 14.90 16.76 -25.93
N ARG B 59 14.74 15.44 -25.86
CA ARG B 59 14.77 14.55 -27.03
C ARG B 59 13.50 13.71 -26.95
N LEU B 60 12.61 13.87 -27.92
CA LEU B 60 11.36 13.15 -27.92
C LEU B 60 11.26 12.03 -28.96
N PHE B 61 10.90 10.84 -28.50
CA PHE B 61 10.74 9.69 -29.38
C PHE B 61 9.27 9.30 -29.45
N VAL B 62 8.99 8.30 -30.27
CA VAL B 62 7.62 7.85 -30.41
C VAL B 62 7.64 6.47 -31.03
N ALA B 63 6.67 5.65 -30.63
CA ALA B 63 6.54 4.31 -31.17
C ALA B 63 5.43 4.44 -32.21
N GLU B 64 5.82 4.40 -33.49
CA GLU B 64 4.87 4.53 -34.57
C GLU B 64 4.49 3.17 -35.13
N SER B 65 3.20 2.85 -35.04
CA SER B 65 2.69 1.57 -35.53
C SER B 65 2.90 1.47 -37.03
N GLU B 66 2.63 0.30 -37.58
CA GLU B 66 2.79 0.08 -39.01
C GLU B 66 1.63 0.79 -39.71
N SER B 67 0.51 0.89 -39.01
CA SER B 67 -0.66 1.56 -39.54
C SER B 67 -0.37 3.04 -39.65
N GLY B 68 0.65 3.48 -38.92
CA GLY B 68 1.04 4.88 -38.94
C GLY B 68 0.56 5.63 -37.71
N GLU B 69 0.02 4.87 -36.75
CA GLU B 69 -0.50 5.42 -35.51
C GLU B 69 0.59 5.58 -34.44
N VAL B 70 0.49 6.63 -33.64
CA VAL B 70 1.43 6.90 -32.55
C VAL B 70 0.88 6.13 -31.34
N VAL B 71 1.44 4.95 -31.08
CA VAL B 71 0.98 4.12 -29.98
C VAL B 71 1.74 4.29 -28.66
N GLY B 72 2.73 5.17 -28.64
CA GLY B 72 3.50 5.39 -27.43
C GLY B 72 4.63 6.35 -27.67
N PHE B 73 5.14 6.97 -26.60
CA PHE B 73 6.24 7.91 -26.75
C PHE B 73 7.09 8.06 -25.48
N ALA B 74 8.30 8.60 -25.66
CA ALA B 74 9.21 8.80 -24.55
C ALA B 74 9.98 10.11 -24.71
N ALA B 75 10.32 10.73 -23.59
CA ALA B 75 11.07 12.00 -23.58
C ALA B 75 12.22 11.96 -22.59
N PHE B 76 13.42 12.19 -23.11
CA PHE B 76 14.63 12.19 -22.31
C PHE B 76 15.21 13.60 -22.21
N GLY B 77 16.38 13.72 -21.59
CA GLY B 77 16.99 15.02 -21.44
C GLY B 77 17.66 15.19 -20.08
N PRO B 78 18.32 16.34 -19.85
CA PRO B 78 19.00 16.65 -18.60
C PRO B 78 18.23 16.36 -17.32
N ASP B 79 18.95 15.96 -16.28
CA ASP B 79 18.32 15.70 -14.99
C ASP B 79 17.79 17.03 -14.51
N ARG B 80 16.50 17.07 -14.20
CA ARG B 80 15.88 18.29 -13.73
C ARG B 80 16.12 18.50 -12.24
N ALA B 81 17.38 18.78 -11.90
CA ALA B 81 17.80 19.02 -10.52
C ALA B 81 17.15 18.08 -9.52
N SER B 82 17.44 16.78 -9.66
CA SER B 82 16.87 15.80 -8.77
C SER B 82 17.69 15.64 -7.49
N GLY B 83 18.94 16.10 -7.54
CA GLY B 83 19.78 16.02 -6.36
C GLY B 83 20.56 14.75 -6.12
N PHE B 84 21.05 14.13 -7.19
CA PHE B 84 21.83 12.90 -7.06
C PHE B 84 23.13 13.01 -7.86
N PRO B 85 24.28 13.00 -7.16
CA PRO B 85 25.58 13.10 -7.83
C PRO B 85 25.76 11.88 -8.75
N GLY B 86 26.25 12.11 -9.95
CA GLY B 86 26.47 11.03 -10.89
C GLY B 86 25.38 10.94 -11.95
N TYR B 87 24.16 11.27 -11.56
CA TYR B 87 23.03 11.23 -12.47
C TYR B 87 22.77 12.63 -13.01
N THR B 88 23.01 12.80 -14.32
CA THR B 88 22.83 14.07 -15.01
C THR B 88 21.79 13.99 -16.10
N ALA B 89 21.33 12.77 -16.40
CA ALA B 89 20.31 12.58 -17.41
C ALA B 89 19.04 12.07 -16.75
N GLU B 90 17.91 12.32 -17.42
CA GLU B 90 16.64 11.88 -16.87
C GLU B 90 15.67 11.40 -17.94
N LEU B 91 14.77 10.52 -17.53
CA LEU B 91 13.72 10.01 -18.40
C LEU B 91 12.53 10.82 -17.91
N TRP B 92 12.17 11.84 -18.68
CA TRP B 92 11.08 12.72 -18.33
C TRP B 92 9.74 12.01 -18.35
N ALA B 93 9.55 11.17 -19.35
CA ALA B 93 8.29 10.43 -19.46
C ALA B 93 8.31 9.39 -20.56
N ILE B 94 7.57 8.30 -20.34
CA ILE B 94 7.46 7.22 -21.31
C ILE B 94 6.10 6.57 -21.17
N TYR B 95 5.31 6.61 -22.24
CA TYR B 95 3.97 6.01 -22.20
C TYR B 95 3.70 5.15 -23.39
N VAL B 96 2.86 4.14 -23.17
CA VAL B 96 2.46 3.23 -24.22
C VAL B 96 0.97 3.02 -24.04
N LEU B 97 0.25 3.03 -25.15
CA LEU B 97 -1.19 2.85 -25.11
C LEU B 97 -1.57 1.45 -24.67
N PRO B 98 -2.42 1.35 -23.64
CA PRO B 98 -2.92 0.09 -23.06
C PRO B 98 -3.07 -0.99 -24.10
N THR B 99 -3.89 -0.72 -25.10
CA THR B 99 -4.12 -1.66 -26.19
C THR B 99 -2.81 -2.18 -26.77
N TRP B 100 -1.75 -1.37 -26.65
CA TRP B 100 -0.44 -1.71 -27.22
C TRP B 100 0.64 -2.17 -26.25
N GLN B 101 0.25 -2.47 -25.03
CA GLN B 101 1.21 -2.92 -24.03
C GLN B 101 1.53 -4.40 -24.12
N ARG B 102 2.58 -4.80 -23.41
CA ARG B 102 3.03 -6.19 -23.38
C ARG B 102 3.57 -6.62 -24.73
N LYS B 103 4.11 -5.67 -25.48
CA LYS B 103 4.69 -5.93 -26.79
C LYS B 103 6.11 -5.38 -26.81
N GLY B 104 6.65 -5.13 -25.62
CA GLY B 104 7.99 -4.61 -25.49
C GLY B 104 8.27 -3.27 -26.14
N LEU B 105 7.27 -2.40 -26.22
CA LEU B 105 7.47 -1.08 -26.81
C LEU B 105 8.11 -0.18 -25.77
N GLY B 106 7.72 -0.39 -24.51
CA GLY B 106 8.30 0.39 -23.45
C GLY B 106 9.81 0.25 -23.55
N ARG B 107 10.30 -0.98 -23.43
CA ARG B 107 11.73 -1.23 -23.48
C ARG B 107 12.42 -0.68 -24.74
N ALA B 108 11.72 -0.69 -25.87
CA ALA B 108 12.31 -0.17 -27.11
C ALA B 108 12.45 1.35 -27.01
N LEU B 109 11.44 1.99 -26.44
CA LEU B 109 11.45 3.44 -26.26
C LEU B 109 12.58 3.78 -25.29
N PHE B 110 12.70 2.95 -24.26
CA PHE B 110 13.72 3.11 -23.23
C PHE B 110 15.10 2.94 -23.87
N HIS B 111 15.32 1.75 -24.40
CA HIS B 111 16.55 1.38 -25.06
C HIS B 111 17.05 2.43 -26.06
N GLU B 112 16.15 3.23 -26.61
CA GLU B 112 16.56 4.23 -27.59
C GLU B 112 17.00 5.56 -26.99
N GLY B 113 16.33 6.01 -25.94
CA GLY B 113 16.71 7.25 -25.31
C GLY B 113 17.98 7.03 -24.49
N ALA B 114 18.28 5.75 -24.24
CA ALA B 114 19.47 5.41 -23.49
C ALA B 114 20.63 5.50 -24.46
N ARG B 115 20.52 4.80 -25.57
CA ARG B 115 21.57 4.81 -26.58
C ARG B 115 21.84 6.23 -27.06
N LEU B 116 20.87 7.11 -26.90
CA LEU B 116 21.05 8.49 -27.35
C LEU B 116 21.72 9.33 -26.29
N LEU B 117 21.19 9.25 -25.07
CA LEU B 117 21.76 10.00 -23.95
C LEU B 117 23.19 9.52 -23.76
N GLN B 118 23.38 8.21 -23.80
CA GLN B 118 24.71 7.62 -23.65
C GLN B 118 25.61 8.17 -24.76
N ALA B 119 25.03 8.43 -25.92
CA ALA B 119 25.80 8.98 -27.01
C ALA B 119 26.15 10.43 -26.66
N GLU B 120 25.13 11.22 -26.33
CA GLU B 120 25.33 12.62 -25.98
C GLU B 120 26.35 12.83 -24.86
N GLY B 121 26.94 11.74 -24.36
CA GLY B 121 27.93 11.86 -23.31
C GLY B 121 27.41 11.87 -21.89
N TYR B 122 26.21 11.34 -21.68
CA TYR B 122 25.63 11.28 -20.35
C TYR B 122 26.14 10.03 -19.66
N GLY B 123 26.30 10.11 -18.35
CA GLY B 123 26.82 8.96 -17.64
C GLY B 123 25.78 7.95 -17.24
N ARG B 124 24.67 8.46 -16.72
CA ARG B 124 23.59 7.62 -16.27
C ARG B 124 22.36 8.47 -16.02
N LEU B 126 18.28 8.91 -14.30
CA LEU B 126 17.34 8.52 -13.27
C LEU B 126 15.95 8.74 -13.87
N VAL B 127 14.96 8.11 -13.27
CA VAL B 127 13.60 8.26 -13.72
C VAL B 127 12.74 8.23 -12.47
N TRP B 128 11.81 9.18 -12.38
CA TRP B 128 10.93 9.26 -11.23
C TRP B 128 9.61 8.57 -11.53
N VAL B 129 9.14 7.79 -10.56
CA VAL B 129 7.90 7.04 -10.70
C VAL B 129 7.08 7.23 -9.45
N LEU B 130 5.78 7.02 -9.56
CA LEU B 130 4.88 7.15 -8.43
C LEU B 130 4.87 5.86 -7.65
N LYS B 131 5.03 5.98 -6.34
CA LYS B 131 5.02 4.82 -5.45
C LYS B 131 3.91 3.87 -5.84
N GLU B 132 2.79 4.41 -6.33
CA GLU B 132 1.66 3.58 -6.69
C GLU B 132 1.44 3.27 -8.17
N ASN B 133 2.53 3.12 -8.91
CA ASN B 133 2.43 2.78 -10.32
C ASN B 133 3.14 1.44 -10.45
N PRO B 134 2.59 0.38 -9.84
CA PRO B 134 3.13 -0.97 -9.85
C PRO B 134 3.72 -1.44 -11.19
N LYS B 135 2.96 -1.32 -12.28
CA LYS B 135 3.49 -1.72 -13.57
C LYS B 135 4.76 -0.92 -13.83
N GLY B 136 4.75 0.34 -13.38
CA GLY B 136 5.89 1.23 -13.54
C GLY B 136 7.17 0.74 -12.91
N ARG B 137 7.16 0.58 -11.59
CA ARG B 137 8.35 0.11 -10.88
C ARG B 137 8.70 -1.30 -11.34
N GLY B 138 7.69 -2.07 -11.72
CA GLY B 138 7.96 -3.42 -12.18
C GLY B 138 8.78 -3.33 -13.45
N PHE B 139 8.38 -2.40 -14.30
CA PHE B 139 9.03 -2.14 -15.58
C PHE B 139 10.50 -1.72 -15.44
N TYR B 140 10.77 -0.83 -14.51
CA TYR B 140 12.14 -0.37 -14.33
C TYR B 140 12.95 -1.42 -13.61
N GLU B 141 12.33 -2.07 -12.63
CA GLU B 141 13.04 -3.11 -11.92
C GLU B 141 13.48 -4.14 -12.95
N HIS B 142 12.54 -4.63 -13.76
CA HIS B 142 12.85 -5.60 -14.80
C HIS B 142 13.98 -5.13 -15.70
N LEU B 143 14.37 -3.87 -15.54
CA LEU B 143 15.45 -3.28 -16.33
C LEU B 143 16.71 -3.12 -15.51
N GLY B 144 16.64 -3.52 -14.24
CA GLY B 144 17.79 -3.41 -13.37
C GLY B 144 18.10 -1.97 -13.01
N GLY B 145 17.06 -1.19 -12.75
CA GLY B 145 17.24 0.19 -12.34
C GLY B 145 17.31 0.14 -10.84
N VAL B 146 18.13 0.97 -10.22
CA VAL B 146 18.23 0.90 -8.77
C VAL B 146 17.57 2.02 -7.98
N LEU B 147 17.03 1.65 -6.83
CA LEU B 147 16.36 2.60 -5.96
C LEU B 147 17.34 3.63 -5.39
N LEU B 148 16.99 4.90 -5.54
CA LEU B 148 17.84 5.99 -5.06
C LEU B 148 17.19 6.79 -3.93
N GLY B 149 15.85 6.83 -3.92
CA GLY B 149 15.15 7.57 -2.90
C GLY B 149 13.76 7.97 -3.35
N GLU B 150 12.97 8.46 -2.41
CA GLU B 150 11.60 8.89 -2.68
C GLU B 150 11.46 10.38 -2.50
N ARG B 151 10.40 10.95 -3.09
CA ARG B 151 10.15 12.39 -3.03
C ARG B 151 8.65 12.66 -2.93
N GLU B 152 8.28 13.59 -2.03
CA GLU B 152 6.89 13.95 -1.83
C GLU B 152 6.47 15.03 -2.83
N ILE B 153 5.36 14.83 -3.51
CA ILE B 153 4.90 15.82 -4.48
C ILE B 153 3.38 15.99 -4.52
N GLU B 154 2.92 17.19 -4.15
CA GLU B 154 1.48 17.49 -4.17
C GLU B 154 1.03 17.54 -5.62
N LEU B 155 0.19 16.59 -6.01
CA LEU B 155 -0.28 16.51 -7.38
C LEU B 155 -1.80 16.59 -7.41
N GLY B 156 -2.33 17.50 -8.23
CA GLY B 156 -3.78 17.65 -8.33
C GLY B 156 -4.44 17.80 -6.98
N GLY B 157 -3.70 18.37 -6.03
CA GLY B 157 -4.25 18.57 -4.69
C GLY B 157 -3.79 17.51 -3.72
N ALA B 158 -3.58 16.30 -4.25
CA ALA B 158 -3.14 15.18 -3.43
C ALA B 158 -1.69 15.36 -3.01
N LYS B 159 -1.28 14.62 -1.99
CA LYS B 159 0.08 14.70 -1.49
C LYS B 159 0.70 13.32 -1.70
N LEU B 160 1.15 13.06 -2.93
CA LEU B 160 1.74 11.77 -3.30
C LEU B 160 3.25 11.67 -3.14
N TRP B 161 3.79 10.49 -3.48
CA TRP B 161 5.21 10.23 -3.40
C TRP B 161 5.74 9.55 -4.64
N GLU B 162 6.97 9.92 -5.01
CA GLU B 162 7.64 9.34 -6.17
C GLU B 162 8.98 8.74 -5.74
N VAL B 163 9.45 7.75 -6.49
CA VAL B 163 10.71 7.14 -6.19
C VAL B 163 11.55 7.24 -7.46
N ALA B 164 12.86 7.33 -7.31
CA ALA B 164 13.75 7.45 -8.46
C ALA B 164 14.57 6.19 -8.67
N TYR B 165 14.80 5.83 -9.93
CA TYR B 165 15.60 4.66 -10.23
C TYR B 165 16.84 5.07 -11.03
N GLY B 166 17.96 4.42 -10.75
CA GLY B 166 19.19 4.75 -11.43
C GLY B 166 19.57 3.72 -12.49
N PHE B 167 20.26 4.20 -13.52
CA PHE B 167 20.71 3.33 -14.60
C PHE B 167 22.08 3.80 -15.07
N ASP B 168 23.06 2.92 -15.01
CA ASP B 168 24.40 3.27 -15.48
C ASP B 168 24.30 3.05 -16.98
N LEU B 169 24.26 4.15 -17.74
CA LEU B 169 24.12 4.06 -19.18
C LEU B 169 25.32 4.50 -19.98
N GLY B 170 26.51 4.11 -19.56
CA GLY B 170 27.67 4.55 -20.32
C GLY B 170 28.86 3.63 -20.34
N GLY B 171 29.87 4.05 -21.09
CA GLY B 171 31.10 3.31 -21.21
C GLY B 171 32.16 4.32 -21.57
N HIS B 172 32.01 5.54 -21.08
CA HIS B 172 32.98 6.59 -21.34
C HIS B 172 34.07 6.49 -20.28
N LYS B 173 34.81 5.37 -20.34
CA LYS B 173 35.87 5.08 -19.39
C LYS B 173 37.23 5.22 -20.06
N TRP B 174 38.04 6.16 -19.59
CA TRP B 174 39.36 6.35 -20.16
C TRP B 174 40.45 6.00 -19.17
N VAL C 1 14.58 -31.02 8.21
CA VAL C 1 15.29 -29.87 8.85
C VAL C 1 15.14 -29.93 10.36
N ARG C 2 16.06 -29.29 11.08
CA ARG C 2 16.02 -29.30 12.54
C ARG C 2 16.31 -27.95 13.20
N ILE C 3 15.53 -27.68 14.26
CA ILE C 3 15.63 -26.44 15.01
C ILE C 3 16.34 -26.70 16.33
N ARG C 4 17.61 -26.32 16.40
CA ARG C 4 18.41 -26.50 17.61
C ARG C 4 18.84 -25.15 18.18
N ARG C 5 19.88 -25.17 19.01
CA ARG C 5 20.39 -23.95 19.61
C ARG C 5 21.49 -23.40 18.71
N ALA C 6 21.73 -22.09 18.81
CA ALA C 6 22.74 -21.45 17.98
C ALA C 6 24.15 -21.43 18.54
N GLY C 7 25.06 -22.10 17.84
CA GLY C 7 26.44 -22.13 18.28
C GLY C 7 27.11 -20.86 17.81
N LEU C 8 28.23 -20.49 18.43
CA LEU C 8 28.92 -19.28 18.04
C LEU C 8 29.52 -19.45 16.65
N GLU C 9 29.96 -20.67 16.32
CA GLU C 9 30.52 -20.90 14.99
C GLU C 9 29.38 -21.06 14.01
N ASP C 10 28.23 -20.49 14.39
CA ASP C 10 27.02 -20.49 13.60
C ASP C 10 26.70 -19.06 13.16
N LEU C 11 27.22 -18.09 13.91
CA LEU C 11 26.99 -16.67 13.63
C LEU C 11 27.11 -16.26 12.16
N PRO C 12 28.12 -16.79 11.45
CA PRO C 12 28.31 -16.45 10.04
C PRO C 12 27.05 -16.79 9.23
N GLY C 13 26.78 -18.09 9.11
CA GLY C 13 25.62 -18.57 8.38
C GLY C 13 24.32 -17.89 8.78
N VAL C 14 24.33 -17.23 9.92
CA VAL C 14 23.17 -16.51 10.41
C VAL C 14 23.30 -15.09 9.87
N ALA C 15 24.49 -14.53 10.03
CA ALA C 15 24.78 -13.19 9.55
C ALA C 15 24.48 -13.05 8.06
N ARG C 16 24.35 -14.18 7.37
CA ARG C 16 24.06 -14.16 5.94
C ARG C 16 22.62 -14.61 5.67
N VAL C 17 22.02 -15.34 6.61
CA VAL C 17 20.64 -15.78 6.44
C VAL C 17 19.85 -14.48 6.53
N LEU C 18 20.40 -13.52 7.27
CA LEU C 18 19.76 -12.22 7.44
C LEU C 18 20.07 -11.27 6.29
N VAL C 19 21.34 -10.91 6.12
CA VAL C 19 21.73 -9.99 5.04
C VAL C 19 21.08 -10.38 3.73
N ASP C 20 21.40 -11.58 3.25
CA ASP C 20 20.83 -12.09 2.02
C ASP C 20 19.31 -11.88 2.05
N THR C 21 18.64 -12.52 2.99
CA THR C 21 17.19 -12.42 3.14
C THR C 21 16.68 -10.98 3.15
N TRP C 22 17.49 -10.05 3.67
CA TRP C 22 17.08 -8.66 3.71
C TRP C 22 17.10 -8.07 2.30
N ARG C 23 18.10 -8.46 1.54
CA ARG C 23 18.24 -8.00 0.16
C ARG C 23 17.17 -8.64 -0.70
N ALA C 24 17.04 -9.95 -0.60
CA ALA C 24 16.07 -10.71 -1.38
C ALA C 24 14.62 -10.33 -1.05
N THR C 25 14.44 -9.50 -0.04
CA THR C 25 13.10 -9.09 0.38
C THR C 25 12.84 -7.62 0.14
N TYR C 26 13.60 -6.76 0.81
CA TYR C 26 13.38 -5.33 0.70
C TYR C 26 14.06 -4.54 -0.41
N ARG C 27 14.35 -5.16 -1.54
CA ARG C 27 14.95 -4.40 -2.64
C ARG C 27 13.76 -3.71 -3.28
N GLY C 28 13.92 -2.44 -3.62
CA GLY C 28 12.84 -1.68 -4.22
C GLY C 28 12.03 -1.02 -3.13
N VAL C 29 12.09 -1.60 -1.94
CA VAL C 29 11.38 -1.08 -0.79
C VAL C 29 12.31 -0.08 -0.12
N VAL C 30 13.55 -0.52 0.11
CA VAL C 30 14.58 0.29 0.75
C VAL C 30 15.62 0.72 -0.27
N PRO C 31 16.15 1.95 -0.14
CA PRO C 31 17.16 2.44 -1.08
C PRO C 31 18.21 1.36 -1.30
N GLU C 32 18.71 1.21 -2.52
CA GLU C 32 19.69 0.17 -2.79
C GLU C 32 21.00 0.41 -2.05
N ALA C 33 21.41 1.68 -1.96
CA ALA C 33 22.65 2.04 -1.28
C ALA C 33 22.69 1.54 0.17
N PHE C 34 21.54 1.61 0.84
CA PHE C 34 21.45 1.16 2.22
C PHE C 34 21.67 -0.35 2.34
N LEU C 35 21.21 -1.09 1.33
CA LEU C 35 21.36 -2.55 1.34
C LEU C 35 22.81 -2.89 1.02
N GLU C 36 23.45 -2.02 0.24
CA GLU C 36 24.85 -2.19 -0.12
C GLU C 36 25.70 -1.63 1.00
N GLY C 37 25.18 -1.75 2.22
CA GLY C 37 25.87 -1.26 3.39
C GLY C 37 25.93 -2.33 4.46
N LEU C 38 25.01 -3.28 4.38
CA LEU C 38 24.96 -4.37 5.32
C LEU C 38 26.16 -5.28 5.12
N SER C 39 27.07 -5.29 6.10
CA SER C 39 28.28 -6.08 6.05
C SER C 39 28.06 -7.50 6.60
N TYR C 40 28.32 -8.51 5.76
CA TYR C 40 28.17 -9.90 6.17
C TYR C 40 28.82 -10.11 7.53
N GLU C 41 30.01 -9.53 7.70
CA GLU C 41 30.79 -9.62 8.93
C GLU C 41 30.16 -8.84 10.07
N GLY C 42 30.04 -7.53 9.89
CA GLY C 42 29.45 -6.69 10.93
C GLY C 42 28.22 -7.26 11.61
N GLN C 43 27.49 -8.11 10.90
CA GLN C 43 26.30 -8.72 11.47
C GLN C 43 26.66 -9.88 12.40
N ALA C 44 27.51 -10.79 11.92
CA ALA C 44 27.91 -11.94 12.74
C ALA C 44 28.61 -11.44 14.00
N GLU C 45 29.22 -10.25 13.90
CA GLU C 45 29.92 -9.62 15.01
C GLU C 45 28.93 -9.10 16.06
N ARG C 46 27.79 -8.58 15.61
CA ARG C 46 26.78 -8.08 16.52
C ARG C 46 26.28 -9.23 17.39
N TRP C 47 26.03 -10.38 16.76
CA TRP C 47 25.55 -11.57 17.47
C TRP C 47 26.69 -12.35 18.11
N ALA C 48 27.77 -11.66 18.41
CA ALA C 48 28.93 -12.28 19.04
C ALA C 48 29.21 -11.55 20.36
N GLN C 49 28.91 -10.26 20.38
CA GLN C 49 29.11 -9.42 21.56
C GLN C 49 27.89 -9.55 22.48
N ARG C 50 27.03 -10.52 22.18
CA ARG C 50 25.83 -10.72 22.98
C ARG C 50 25.70 -12.17 23.44
N LEU C 51 26.22 -13.11 22.65
CA LEU C 51 26.16 -14.52 23.03
C LEU C 51 27.38 -15.00 23.81
N LYS C 52 28.55 -14.50 23.46
CA LYS C 52 29.77 -14.90 24.14
C LYS C 52 29.76 -14.35 25.57
N THR C 53 28.73 -13.56 25.87
CA THR C 53 28.56 -12.97 27.19
C THR C 53 27.27 -13.54 27.82
N PRO C 54 27.38 -14.71 28.49
CA PRO C 54 26.28 -15.43 29.15
C PRO C 54 25.55 -14.67 30.27
N THR C 55 25.24 -13.40 30.03
CA THR C 55 24.55 -12.60 31.03
C THR C 55 23.37 -11.82 30.43
N TRP C 56 22.80 -12.34 29.35
CA TRP C 56 21.66 -11.69 28.70
C TRP C 56 20.75 -12.71 28.05
N PRO C 57 19.48 -12.74 28.49
CA PRO C 57 18.40 -13.64 28.03
C PRO C 57 18.27 -13.86 26.54
N GLY C 58 19.10 -13.19 25.74
CA GLY C 58 19.04 -13.39 24.30
C GLY C 58 19.15 -14.87 24.01
N ARG C 59 18.11 -15.44 23.39
CA ARG C 59 18.09 -16.87 23.07
C ARG C 59 17.93 -17.20 21.60
N LEU C 60 19.06 -17.20 20.89
CA LEU C 60 19.08 -17.48 19.47
C LEU C 60 18.81 -18.96 19.16
N PHE C 61 18.14 -19.20 18.04
CA PHE C 61 17.81 -20.55 17.59
C PHE C 61 18.25 -20.63 16.12
N VAL C 62 18.44 -21.82 15.62
CA VAL C 62 18.85 -21.97 14.24
C VAL C 62 18.23 -23.20 13.59
N ALA C 63 18.04 -23.11 12.28
CA ALA C 63 17.47 -24.20 11.52
C ALA C 63 18.56 -24.74 10.61
N GLU C 64 18.70 -26.07 10.55
CA GLU C 64 19.70 -26.67 9.69
C GLU C 64 19.06 -27.73 8.81
N SER C 65 19.63 -27.88 7.62
CA SER C 65 19.13 -28.82 6.63
C SER C 65 19.86 -30.16 6.63
N GLU C 66 19.54 -31.00 5.64
CA GLU C 66 20.18 -32.30 5.51
C GLU C 66 21.53 -32.05 4.86
N SER C 67 21.74 -30.77 4.54
CA SER C 67 22.99 -30.31 3.95
C SER C 67 23.73 -29.67 5.12
N GLY C 68 23.23 -29.94 6.32
CA GLY C 68 23.82 -29.42 7.53
C GLY C 68 24.26 -27.97 7.44
N GLU C 69 23.30 -27.06 7.33
CA GLU C 69 23.61 -25.64 7.23
C GLU C 69 22.53 -24.76 7.83
N VAL C 70 22.84 -23.48 7.98
CA VAL C 70 21.93 -22.49 8.56
C VAL C 70 20.97 -21.91 7.51
N VAL C 71 19.78 -22.50 7.40
CA VAL C 71 18.80 -22.03 6.43
C VAL C 71 17.74 -21.16 7.08
N GLY C 72 18.05 -20.60 8.25
CA GLY C 72 17.10 -19.75 8.94
C GLY C 72 17.27 -19.76 10.44
N PHE C 73 16.86 -18.68 11.10
CA PHE C 73 16.98 -18.60 12.55
C PHE C 73 15.91 -17.73 13.18
N ALA C 74 15.92 -17.69 14.50
CA ALA C 74 14.97 -16.88 15.27
C ALA C 74 15.75 -16.33 16.46
N ALA C 75 15.40 -15.13 16.94
CA ALA C 75 16.11 -14.54 18.06
C ALA C 75 15.19 -13.94 19.12
N PHE C 76 14.62 -14.79 19.97
CA PHE C 76 13.73 -14.32 21.03
C PHE C 76 14.56 -13.72 22.16
N GLY C 77 13.89 -13.03 23.09
CA GLY C 77 14.59 -12.42 24.22
C GLY C 77 13.69 -11.52 25.05
N PRO C 78 14.25 -10.73 25.98
CA PRO C 78 13.46 -9.83 26.83
C PRO C 78 12.92 -8.65 26.04
N ASP C 79 11.70 -8.25 26.34
CA ASP C 79 11.06 -7.12 25.66
C ASP C 79 12.00 -5.92 25.68
N ARG C 80 12.40 -5.48 24.50
CA ARG C 80 13.29 -4.33 24.37
C ARG C 80 12.53 -3.06 24.71
N ALA C 81 11.66 -3.15 25.71
CA ALA C 81 10.85 -2.02 26.13
C ALA C 81 10.17 -1.43 24.91
N SER C 82 9.16 -2.13 24.43
CA SER C 82 8.41 -1.69 23.26
C SER C 82 7.54 -0.48 23.59
N GLY C 83 6.78 -0.58 24.67
CA GLY C 83 5.91 0.52 25.06
C GLY C 83 4.53 0.01 25.39
N PHE C 84 4.36 -1.31 25.34
CA PHE C 84 3.07 -1.89 25.64
C PHE C 84 3.08 -2.58 27.00
N PRO C 85 2.65 -1.86 28.04
CA PRO C 85 2.60 -2.37 29.41
C PRO C 85 1.83 -3.69 29.43
N GLY C 86 2.53 -4.77 29.73
CA GLY C 86 1.88 -6.06 29.76
C GLY C 86 2.64 -7.11 28.99
N TYR C 87 3.44 -6.69 28.02
CA TYR C 87 4.20 -7.65 27.25
C TYR C 87 5.61 -7.82 27.77
N THR C 88 5.78 -8.93 28.48
CA THR C 88 7.04 -9.30 29.12
C THR C 88 8.17 -9.79 28.20
N ALA C 89 7.89 -9.95 26.91
CA ALA C 89 8.90 -10.41 25.97
C ALA C 89 8.59 -10.05 24.51
N GLU C 90 9.55 -10.30 23.62
CA GLU C 90 9.35 -10.01 22.20
C GLU C 90 10.18 -10.90 21.31
N LEU C 91 10.02 -10.71 20.01
CA LEU C 91 10.75 -11.50 19.02
C LEU C 91 11.68 -10.56 18.25
N TRP C 92 12.86 -10.34 18.83
CA TRP C 92 13.89 -9.46 18.27
C TRP C 92 14.04 -9.59 16.76
N ALA C 93 14.00 -10.82 16.26
CA ALA C 93 14.14 -11.06 14.83
C ALA C 93 13.91 -12.54 14.46
N ILE C 94 13.46 -12.75 13.23
CA ILE C 94 13.21 -14.10 12.72
C ILE C 94 13.34 -14.02 11.20
N TYR C 95 14.28 -14.77 10.63
CA TYR C 95 14.52 -14.75 9.19
C TYR C 95 14.76 -16.12 8.56
N VAL C 96 13.77 -16.66 7.85
CA VAL C 96 13.98 -17.93 7.18
C VAL C 96 14.64 -17.48 5.87
N LEU C 97 15.04 -18.41 5.02
CA LEU C 97 15.65 -18.04 3.74
C LEU C 97 14.71 -18.40 2.62
N PRO C 98 14.63 -17.53 1.60
CA PRO C 98 13.80 -17.65 0.40
C PRO C 98 13.65 -19.07 -0.12
N THR C 99 14.79 -19.75 -0.31
CA THR C 99 14.79 -21.12 -0.81
C THR C 99 14.17 -22.09 0.20
N TRP C 100 14.06 -21.64 1.45
CA TRP C 100 13.51 -22.48 2.51
C TRP C 100 12.17 -22.05 3.12
N GLN C 101 11.53 -21.06 2.51
CA GLN C 101 10.25 -20.58 3.00
C GLN C 101 9.13 -21.49 2.51
N ARG C 102 7.94 -21.38 3.13
CA ARG C 102 6.80 -22.21 2.76
C ARG C 102 7.10 -23.67 3.10
N LYS C 103 7.80 -23.86 4.21
CA LYS C 103 8.17 -25.18 4.68
C LYS C 103 7.81 -25.34 6.17
N GLY C 104 7.15 -24.31 6.72
CA GLY C 104 6.75 -24.32 8.12
C GLY C 104 7.91 -24.11 9.06
N LEU C 105 9.02 -23.62 8.51
CA LEU C 105 10.23 -23.38 9.29
C LEU C 105 10.15 -22.25 10.33
N GLY C 106 9.48 -21.16 9.99
CA GLY C 106 9.36 -20.04 10.93
C GLY C 106 8.35 -20.36 12.01
N ARG C 107 7.43 -21.27 11.69
CA ARG C 107 6.39 -21.70 12.62
C ARG C 107 7.10 -22.54 13.64
N ALA C 108 8.09 -23.30 13.16
CA ALA C 108 8.89 -24.15 14.00
C ALA C 108 9.77 -23.27 14.89
N LEU C 109 10.56 -22.41 14.27
CA LEU C 109 11.41 -21.51 15.03
C LEU C 109 10.56 -20.75 16.02
N PHE C 110 9.30 -20.51 15.67
CA PHE C 110 8.41 -19.74 16.54
C PHE C 110 8.01 -20.47 17.82
N HIS C 111 7.58 -21.72 17.68
CA HIS C 111 7.17 -22.50 18.85
C HIS C 111 8.36 -22.92 19.70
N GLU C 112 9.51 -23.16 19.07
CA GLU C 112 10.71 -23.55 19.80
C GLU C 112 11.18 -22.41 20.71
N GLY C 113 10.99 -21.18 20.27
CA GLY C 113 11.37 -20.03 21.07
C GLY C 113 10.22 -19.63 21.96
N ALA C 114 9.04 -20.16 21.66
CA ALA C 114 7.84 -19.86 22.44
C ALA C 114 7.73 -20.86 23.59
N ARG C 115 8.47 -21.96 23.49
CA ARG C 115 8.48 -22.98 24.54
C ARG C 115 9.34 -22.49 25.68
N LEU C 116 10.55 -22.05 25.34
CA LEU C 116 11.50 -21.56 26.33
C LEU C 116 11.00 -20.24 26.92
N LEU C 117 10.80 -19.25 26.08
CA LEU C 117 10.31 -17.96 26.56
C LEU C 117 9.20 -18.19 27.56
N GLN C 118 8.25 -19.05 27.19
CA GLN C 118 7.14 -19.36 28.07
C GLN C 118 7.66 -19.87 29.40
N ALA C 119 8.21 -21.08 29.38
CA ALA C 119 8.74 -21.71 30.59
C ALA C 119 9.48 -20.72 31.49
N GLU C 120 10.60 -20.18 31.00
CA GLU C 120 11.41 -19.22 31.75
C GLU C 120 10.58 -18.36 32.72
N GLY C 121 9.37 -18.02 32.29
CA GLY C 121 8.51 -17.23 33.15
C GLY C 121 7.60 -16.32 32.33
N TYR C 122 8.19 -15.60 31.39
CA TYR C 122 7.45 -14.69 30.52
C TYR C 122 6.05 -15.23 30.26
N GLY C 123 5.04 -14.40 30.50
CA GLY C 123 3.67 -14.82 30.30
C GLY C 123 3.18 -14.57 28.88
N ARG C 124 3.73 -13.53 28.25
CA ARG C 124 3.36 -13.17 26.89
C ARG C 124 4.49 -12.39 26.23
N LEU C 126 5.66 -9.92 22.36
CA LEU C 126 5.20 -9.16 21.21
C LEU C 126 6.20 -9.24 20.05
N VAL C 127 5.87 -8.61 18.93
CA VAL C 127 6.74 -8.61 17.76
C VAL C 127 6.54 -7.34 16.94
N TRP C 128 7.62 -6.83 16.37
CA TRP C 128 7.55 -5.62 15.55
C TRP C 128 7.80 -5.98 14.09
N VAL C 129 6.84 -5.63 13.23
CA VAL C 129 6.94 -5.94 11.80
C VAL C 129 6.85 -4.70 10.93
N LEU C 130 7.57 -4.71 9.82
CA LEU C 130 7.53 -3.61 8.88
C LEU C 130 6.24 -3.78 8.09
N LYS C 131 5.55 -2.67 7.81
CA LYS C 131 4.32 -2.73 7.04
C LYS C 131 4.64 -3.18 5.60
N GLU C 132 5.83 -2.81 5.13
CA GLU C 132 6.29 -3.17 3.79
C GLU C 132 6.76 -4.61 3.76
N ASN C 133 6.33 -5.37 4.76
CA ASN C 133 6.65 -6.77 4.86
C ASN C 133 5.31 -7.47 5.08
N PRO C 134 4.55 -7.64 3.99
CA PRO C 134 3.23 -8.29 4.00
C PRO C 134 3.32 -9.74 4.46
N LYS C 135 4.29 -10.48 3.92
CA LYS C 135 4.45 -11.87 4.34
C LYS C 135 4.64 -11.83 5.84
N GLY C 136 5.36 -10.81 6.30
CA GLY C 136 5.61 -10.65 7.73
C GLY C 136 4.35 -10.50 8.54
N ARG C 137 3.52 -9.52 8.18
CA ARG C 137 2.28 -9.29 8.89
C ARG C 137 1.32 -10.47 8.78
N GLY C 138 1.36 -11.16 7.64
CA GLY C 138 0.47 -12.30 7.46
C GLY C 138 0.84 -13.42 8.40
N PHE C 139 2.13 -13.74 8.40
CA PHE C 139 2.70 -14.79 9.24
C PHE C 139 2.21 -14.63 10.68
N TYR C 140 2.61 -13.54 11.32
CA TYR C 140 2.22 -13.29 12.70
C TYR C 140 0.71 -13.38 12.90
N GLU C 141 -0.05 -13.09 11.85
CA GLU C 141 -1.50 -13.17 11.96
C GLU C 141 -1.97 -14.61 12.04
N HIS C 142 -1.37 -15.51 11.26
CA HIS C 142 -1.76 -16.92 11.33
C HIS C 142 -1.48 -17.41 12.75
N LEU C 143 -0.35 -16.98 13.29
CA LEU C 143 0.05 -17.37 14.64
C LEU C 143 -0.93 -16.90 15.68
N GLY C 144 -1.75 -15.92 15.31
CA GLY C 144 -2.74 -15.40 16.21
C GLY C 144 -2.29 -14.16 16.96
N GLY C 145 -1.37 -13.42 16.37
CA GLY C 145 -0.91 -12.22 17.02
C GLY C 145 -1.97 -11.14 16.96
N VAL C 146 -2.05 -10.32 18.00
CA VAL C 146 -3.02 -9.25 18.05
C VAL C 146 -2.34 -7.94 17.67
N LEU C 147 -3.06 -7.09 16.97
CA LEU C 147 -2.48 -5.81 16.59
C LEU C 147 -2.51 -4.95 17.84
N LEU C 148 -1.38 -4.32 18.13
CA LEU C 148 -1.26 -3.48 19.32
C LEU C 148 -1.18 -2.00 18.92
N GLY C 149 -0.18 -1.67 18.11
CA GLY C 149 -0.01 -0.31 17.67
C GLY C 149 1.01 -0.21 16.56
N GLU C 150 1.42 1.03 16.26
CA GLU C 150 2.40 1.28 15.21
C GLU C 150 3.48 2.28 15.61
N ARG C 151 4.29 2.68 14.63
CA ARG C 151 5.36 3.64 14.84
C ARG C 151 6.15 3.85 13.56
N GLU C 152 6.82 4.99 13.48
CA GLU C 152 7.62 5.36 12.32
C GLU C 152 9.10 5.09 12.57
N ILE C 153 9.82 4.67 11.54
CA ILE C 153 11.25 4.37 11.67
C ILE C 153 12.06 4.95 10.52
N GLU C 154 13.39 4.84 10.64
CA GLU C 154 14.32 5.34 9.64
C GLU C 154 15.21 4.23 9.09
N LEU C 155 15.44 4.24 7.78
CA LEU C 155 16.29 3.23 7.15
C LEU C 155 16.99 3.77 5.92
N GLY C 156 17.98 4.63 6.15
CA GLY C 156 18.73 5.20 5.04
C GLY C 156 17.90 5.99 4.05
N GLY C 157 17.65 7.26 4.36
CA GLY C 157 16.89 8.13 3.48
C GLY C 157 15.46 7.71 3.21
N ALA C 158 14.96 6.78 4.01
CA ALA C 158 13.60 6.30 3.83
C ALA C 158 12.84 6.18 5.14
N LYS C 159 11.57 6.58 5.11
CA LYS C 159 10.69 6.52 6.27
C LYS C 159 9.87 5.24 6.15
N LEU C 160 9.85 4.42 7.20
CA LEU C 160 9.08 3.18 7.19
C LEU C 160 8.18 3.08 8.41
N TRP C 161 7.10 2.33 8.27
CA TRP C 161 6.16 2.14 9.39
C TRP C 161 6.24 0.73 9.95
N GLU C 162 6.17 0.65 11.27
CA GLU C 162 6.28 -0.61 11.97
C GLU C 162 5.09 -0.86 12.90
N VAL C 163 4.43 -2.00 12.71
CA VAL C 163 3.28 -2.37 13.53
C VAL C 163 3.76 -3.35 14.60
N ALA C 164 2.96 -3.55 15.65
CA ALA C 164 3.35 -4.46 16.73
C ALA C 164 2.29 -5.50 17.07
N TYR C 165 2.58 -6.77 16.78
CA TYR C 165 1.64 -7.85 17.09
C TYR C 165 1.98 -8.46 18.44
N GLY C 166 0.95 -8.75 19.24
CA GLY C 166 1.17 -9.33 20.55
C GLY C 166 0.72 -10.78 20.66
N PHE C 167 1.45 -11.57 21.47
CA PHE C 167 1.13 -12.98 21.69
C PHE C 167 0.97 -13.28 23.18
N ASP C 168 0.54 -14.49 23.49
CA ASP C 168 0.36 -14.90 24.87
C ASP C 168 0.84 -16.33 25.07
N LEU C 169 1.92 -16.48 25.82
CA LEU C 169 2.54 -17.78 26.09
C LEU C 169 1.73 -18.80 26.89
N GLY C 170 1.18 -18.36 28.01
CA GLY C 170 0.42 -19.25 28.86
C GLY C 170 -1.01 -19.50 28.45
N GLY C 171 -1.40 -20.76 28.42
CA GLY C 171 -2.75 -21.11 28.05
C GLY C 171 -2.84 -22.39 27.24
N HIS C 172 -1.69 -22.85 26.77
CA HIS C 172 -1.65 -24.07 25.98
C HIS C 172 -0.21 -24.53 25.78
N LYS C 173 -0.07 -25.70 25.18
CA LYS C 173 1.24 -26.30 24.92
C LYS C 173 1.77 -25.89 23.54
N TRP C 174 2.94 -25.26 23.51
CA TRP C 174 3.53 -24.83 22.24
C TRP C 174 4.15 -26.02 21.51
#